data_5MQO
#
_entry.id   5MQO
#
_cell.length_a   219.440
_cell.length_b   219.440
_cell.length_c   91.809
_cell.angle_alpha   90.00
_cell.angle_beta   90.00
_cell.angle_gamma   120.00
#
_symmetry.space_group_name_H-M   'H 3 2'
#
_entity_poly.entity_id   1
_entity_poly.type   'polypeptide(L)'
_entity_poly.pdbx_seq_one_letter_code
;MKQIKLLFLLASASVTGAFAQSNGLTDMSQSRYAKMANTGIDAVHWTNGFWGERFNVFSGTSLQSMWNTWNTPEVSHGFR
NFEIAAGVCKGEHWGPPFHDGDMYKWMEGVASVYAVNKDPELDKLMDNFIACVVKAQRADGYIHTPVVIEELNKGIDSHT
LADSQQQTVIGTKVGSEDEKGAFANRLNFETYNLGHLMMAGIVHHRATGKTTLFDAAVKATDFLCHFYETASAELARNAI
CPSHYMGVVEMYRATGNPRYLELSKNLIDIRGMVESGTDDNQDRIPFRDQYRAMGHAVRANYLYAGVADVYAETGEQQLM
KNLTSIWNDIVTRKMYVTGACGALYDGTSPDGTCYEPDSIQKVHQSYGRPYQLPNSTAHNETCANIGNMLFNWRMLEVTG
DAKYAELVETCLYNSVLSGISLDGKKYFYTNPLRISADLPYTLRWPKERTEYISCFCCPPNTLRTLCQAQNYAYTLSPEG
IYCNLYGANTLTTNWKDKGELALVQETDYPWEGNVRVTLNKVPRKAGAFSLFFRIPEWCGKAALTVNGQPVSMNAKANTY
AEVNRTWKKGDVVELVMDMPVCLLEAHPLAEEIRNQVVVKRGPLVYCLESMDIANGEKIDNILIPADIKLIPKKTTIEGS
SIVALEGKARLASSESWEGVLYRPVVQAEKTVDIRLIPYYAWGNRGKGEMTVWMPLAR
;
_entity_poly.pdbx_strand_id   A
#
# COMPACT_ATOMS: atom_id res chain seq x y z
N SER A 22 11.16 -3.58 -19.64
CA SER A 22 11.09 -5.01 -20.08
C SER A 22 10.51 -5.90 -18.99
N ASN A 23 10.73 -5.58 -17.71
CA ASN A 23 10.81 -6.63 -16.68
C ASN A 23 10.27 -6.35 -15.23
N GLY A 24 9.55 -5.25 -15.04
CA GLY A 24 9.07 -4.88 -13.69
C GLY A 24 7.95 -5.75 -13.11
N LEU A 25 7.77 -5.69 -11.78
CA LEU A 25 6.59 -6.23 -11.08
C LEU A 25 5.31 -5.89 -11.81
N THR A 26 5.20 -4.63 -12.24
CA THR A 26 4.25 -4.26 -13.29
C THR A 26 4.89 -3.46 -14.43
N ASP A 27 4.65 -3.94 -15.63
CA ASP A 27 5.34 -3.50 -16.79
C ASP A 27 4.49 -2.67 -17.75
N MET A 28 4.41 -1.36 -17.50
CA MET A 28 3.79 -0.41 -18.43
C MET A 28 4.77 0.09 -19.52
N SER A 29 5.85 -0.64 -19.75
CA SER A 29 6.91 -0.20 -20.64
C SER A 29 6.48 -0.08 -22.11
N GLN A 30 5.52 -0.90 -22.56
CA GLN A 30 4.89 -0.82 -23.89
C GLN A 30 3.53 -0.14 -23.90
N SER A 31 3.07 0.36 -22.77
CA SER A 31 1.69 0.82 -22.66
C SER A 31 1.56 2.19 -23.34
N ARG A 32 0.61 2.36 -24.24
CA ARG A 32 0.60 3.53 -25.14
C ARG A 32 0.37 4.85 -24.45
N TYR A 33 -0.35 4.84 -23.31
CA TYR A 33 -0.69 6.06 -22.58
C TYR A 33 -0.13 6.01 -21.17
N ALA A 34 0.96 5.30 -20.98
CA ALA A 34 1.71 5.37 -19.75
C ALA A 34 2.73 6.46 -19.95
N LYS A 35 3.24 6.99 -18.85
CA LYS A 35 4.32 7.98 -18.86
C LYS A 35 5.58 7.50 -18.18
N MET A 36 5.41 6.61 -17.21
CA MET A 36 6.51 5.94 -16.53
C MET A 36 6.25 4.45 -16.48
N ALA A 37 7.33 3.69 -16.27
CA ALA A 37 7.25 2.26 -16.08
C ALA A 37 8.17 1.84 -14.91
N ASN A 38 7.94 0.63 -14.39
CA ASN A 38 8.77 0.09 -13.31
C ASN A 38 10.22 -0.16 -13.74
N THR A 39 11.09 -0.18 -12.74
CA THR A 39 12.38 -0.84 -12.81
C THR A 39 12.10 -2.34 -12.80
N GLY A 40 13.05 -3.10 -13.33
CA GLY A 40 12.97 -4.56 -13.36
C GLY A 40 12.85 -5.11 -11.97
N ILE A 41 12.22 -6.27 -11.86
CA ILE A 41 11.93 -6.89 -10.57
C ILE A 41 13.20 -7.24 -9.79
N ASP A 42 14.31 -7.40 -10.53
CA ASP A 42 15.66 -7.72 -10.00
C ASP A 42 16.64 -6.53 -9.81
N ALA A 43 16.23 -5.34 -10.23
CA ALA A 43 17.11 -4.17 -10.29
C ALA A 43 17.40 -3.44 -8.99
N VAL A 44 16.48 -3.48 -8.02
CA VAL A 44 16.63 -2.72 -6.79
C VAL A 44 16.76 -3.70 -5.62
N HIS A 45 17.83 -3.58 -4.83
CA HIS A 45 17.94 -4.28 -3.52
C HIS A 45 17.99 -3.25 -2.39
N TRP A 46 17.17 -3.41 -1.36
CA TRP A 46 17.38 -2.72 -0.10
C TRP A 46 18.74 -3.18 0.47
N THR A 47 19.43 -2.23 1.11
CA THR A 47 20.70 -2.44 1.79
C THR A 47 20.55 -2.17 3.30
N ASN A 48 20.95 -0.99 3.77
CA ASN A 48 21.32 -0.77 5.19
C ASN A 48 20.41 0.21 5.90
N GLY A 49 19.17 -0.16 6.17
CA GLY A 49 18.35 0.73 6.99
C GLY A 49 17.02 0.13 7.32
N PHE A 50 16.00 0.99 7.38
CA PHE A 50 14.62 0.61 7.66
C PHE A 50 14.24 -0.65 6.86
N TRP A 51 14.35 -0.56 5.53
CA TRP A 51 13.75 -1.59 4.67
C TRP A 51 14.62 -2.83 4.52
N GLY A 52 15.93 -2.65 4.52
CA GLY A 52 16.86 -3.77 4.62
C GLY A 52 16.54 -4.67 5.81
N GLU A 53 16.33 -4.02 6.96
CA GLU A 53 15.99 -4.70 8.21
C GLU A 53 14.64 -5.43 8.12
N ARG A 54 13.60 -4.73 7.68
CA ARG A 54 12.32 -5.36 7.41
C ARG A 54 12.43 -6.53 6.41
N PHE A 55 13.10 -6.28 5.27
CA PHE A 55 13.33 -7.33 4.26
C PHE A 55 14.02 -8.60 4.79
N ASN A 56 14.95 -8.47 5.74
CA ASN A 56 15.53 -9.68 6.38
C ASN A 56 14.54 -10.45 7.23
N VAL A 57 13.64 -9.74 7.93
CA VAL A 57 12.58 -10.44 8.60
C VAL A 57 11.72 -11.13 7.57
N PHE A 58 11.18 -10.39 6.60
CA PHE A 58 10.17 -10.99 5.71
C PHE A 58 10.72 -12.19 4.95
N SER A 59 11.94 -12.07 4.42
CA SER A 59 12.58 -13.11 3.59
C SER A 59 13.13 -14.24 4.46
N GLY A 60 13.78 -13.86 5.55
CA GLY A 60 14.40 -14.81 6.41
C GLY A 60 13.57 -15.27 7.58
N THR A 61 12.25 -15.11 7.54
CA THR A 61 11.40 -15.63 8.65
C THR A 61 9.95 -15.81 8.28
N SER A 62 9.36 -14.72 7.80
CA SER A 62 7.93 -14.67 7.51
C SER A 62 7.53 -15.72 6.49
N LEU A 63 8.24 -15.81 5.36
CA LEU A 63 7.95 -16.82 4.34
C LEU A 63 7.99 -18.27 4.87
N GLN A 64 9.03 -18.64 5.65
CA GLN A 64 9.11 -19.99 6.25
C GLN A 64 7.96 -20.19 7.21
N SER A 65 7.81 -19.24 8.14
CA SER A 65 6.74 -19.26 9.15
C SER A 65 5.33 -19.50 8.58
N MET A 66 5.05 -18.94 7.39
CA MET A 66 3.75 -19.09 6.75
C MET A 66 3.56 -20.44 6.05
N TRP A 67 4.62 -20.96 5.43
CA TRP A 67 4.61 -22.31 4.88
C TRP A 67 4.45 -23.37 5.98
N ASN A 68 4.94 -23.05 7.19
CA ASN A 68 4.92 -24.01 8.29
C ASN A 68 3.55 -24.18 8.91
N THR A 69 2.83 -23.09 9.14
CA THR A 69 1.40 -23.20 9.51
C THR A 69 0.65 -23.95 8.38
N TRP A 70 1.17 -23.79 7.15
CA TRP A 70 0.78 -24.54 5.94
C TRP A 70 -0.51 -23.94 5.33
N GLY A 101 -4.81 -20.83 -3.56
CA GLY A 101 -4.87 -19.40 -3.92
C GLY A 101 -3.95 -18.50 -3.09
N ASP A 102 -4.03 -18.71 -1.78
CA ASP A 102 -3.06 -18.16 -0.81
C ASP A 102 -1.64 -18.53 -1.19
N MET A 103 -1.44 -19.81 -1.53
CA MET A 103 -0.14 -20.35 -1.89
C MET A 103 0.50 -19.72 -3.11
N TYR A 104 -0.32 -19.34 -4.07
CA TYR A 104 0.14 -18.64 -5.27
C TYR A 104 0.64 -17.25 -4.93
N LYS A 105 0.03 -16.61 -3.93
CA LYS A 105 0.51 -15.31 -3.43
C LYS A 105 1.81 -15.48 -2.69
N TRP A 106 1.87 -16.46 -1.80
CA TRP A 106 3.10 -16.83 -1.06
C TRP A 106 4.25 -17.01 -2.04
N MET A 107 4.02 -17.87 -3.01
CA MET A 107 4.99 -18.26 -4.03
C MET A 107 5.44 -17.04 -4.86
N GLU A 108 4.50 -16.17 -5.20
CA GLU A 108 4.81 -14.93 -5.88
C GLU A 108 5.78 -14.10 -5.04
N GLY A 109 5.50 -14.07 -3.74
CA GLY A 109 6.41 -13.53 -2.75
C GLY A 109 7.79 -14.18 -2.76
N VAL A 110 7.85 -15.53 -2.77
CA VAL A 110 9.14 -16.22 -2.82
C VAL A 110 9.93 -15.79 -4.07
N ALA A 111 9.28 -15.77 -5.23
CA ALA A 111 9.92 -15.33 -6.49
C ALA A 111 10.39 -13.91 -6.46
N SER A 112 9.70 -13.07 -5.70
CA SER A 112 9.96 -11.64 -5.67
C SER A 112 11.22 -11.36 -4.87
N VAL A 113 11.31 -12.08 -3.75
CA VAL A 113 12.48 -12.15 -2.89
C VAL A 113 13.68 -12.73 -3.62
N TYR A 114 13.49 -13.86 -4.30
CA TYR A 114 14.51 -14.47 -5.14
C TYR A 114 15.08 -13.50 -6.17
N ALA A 115 14.24 -12.69 -6.80
CA ALA A 115 14.74 -11.72 -7.79
C ALA A 115 15.85 -10.81 -7.26
N VAL A 116 15.77 -10.53 -5.97
CA VAL A 116 16.75 -9.70 -5.26
C VAL A 116 17.99 -10.48 -4.80
N ASN A 117 17.80 -11.71 -4.31
CA ASN A 117 18.86 -12.41 -3.56
C ASN A 117 19.40 -13.71 -4.17
N LYS A 118 18.69 -14.28 -5.16
CA LYS A 118 19.19 -15.41 -5.97
C LYS A 118 19.53 -16.66 -5.13
N ASP A 119 18.91 -16.81 -3.97
CA ASP A 119 19.12 -17.96 -3.11
C ASP A 119 18.75 -19.18 -3.96
N PRO A 120 19.72 -20.06 -4.27
CA PRO A 120 19.33 -21.21 -5.08
C PRO A 120 18.46 -22.21 -4.32
N GLU A 121 18.42 -22.13 -2.99
CA GLU A 121 17.43 -22.92 -2.21
C GLU A 121 15.99 -22.47 -2.43
N LEU A 122 15.77 -21.20 -2.75
CA LEU A 122 14.43 -20.74 -3.15
C LEU A 122 14.08 -21.24 -4.57
N ASP A 123 15.06 -21.21 -5.49
CA ASP A 123 14.79 -21.58 -6.88
C ASP A 123 14.33 -23.02 -6.97
N LYS A 124 14.90 -23.88 -6.14
CA LYS A 124 14.52 -25.29 -6.04
C LYS A 124 13.15 -25.50 -5.39
N LEU A 125 12.96 -24.85 -4.24
CA LEU A 125 11.66 -24.77 -3.57
C LEU A 125 10.54 -24.26 -4.50
N MET A 126 10.87 -23.37 -5.42
CA MET A 126 9.92 -22.93 -6.45
C MET A 126 9.63 -24.01 -7.50
N ASP A 127 10.70 -24.58 -8.07
CA ASP A 127 10.60 -25.68 -9.05
C ASP A 127 9.78 -26.84 -8.54
N ASN A 128 9.84 -27.12 -7.24
CA ASN A 128 8.95 -28.13 -6.64
C ASN A 128 7.49 -27.68 -6.53
N PHE A 129 7.26 -26.44 -6.14
CA PHE A 129 5.88 -25.92 -6.08
C PHE A 129 5.24 -25.96 -7.47
N ILE A 130 6.01 -25.49 -8.45
CA ILE A 130 5.60 -25.44 -9.85
C ILE A 130 5.31 -26.84 -10.44
N ALA A 131 6.18 -27.83 -10.18
CA ALA A 131 5.96 -29.21 -10.61
C ALA A 131 4.60 -29.78 -10.19
N CYS A 132 4.18 -29.50 -8.95
CA CYS A 132 2.88 -29.92 -8.43
C CYS A 132 1.74 -29.20 -9.12
N VAL A 133 1.93 -27.90 -9.36
CA VAL A 133 0.94 -27.10 -10.07
C VAL A 133 0.74 -27.63 -11.50
N VAL A 134 1.85 -27.83 -12.22
CA VAL A 134 1.82 -28.29 -13.63
C VAL A 134 1.21 -29.68 -13.76
N LYS A 135 1.56 -30.58 -12.84
CA LYS A 135 1.02 -31.94 -12.81
C LYS A 135 -0.53 -31.92 -12.67
N ALA A 136 -1.04 -30.93 -11.94
CA ALA A 136 -2.48 -30.79 -11.66
C ALA A 136 -3.34 -30.07 -12.72
N GLN A 137 -2.74 -29.40 -13.69
CA GLN A 137 -3.51 -28.59 -14.63
C GLN A 137 -4.07 -29.43 -15.78
N ARG A 138 -5.29 -29.17 -16.25
CA ARG A 138 -5.78 -29.83 -17.49
C ARG A 138 -5.15 -29.25 -18.78
N ALA A 139 -5.54 -29.77 -19.94
CA ALA A 139 -5.11 -29.20 -21.22
C ALA A 139 -5.74 -27.83 -21.44
N ASP A 140 -7.02 -27.71 -21.09
CA ASP A 140 -7.78 -26.46 -21.27
C ASP A 140 -7.44 -25.35 -20.26
N GLY A 141 -6.58 -25.65 -19.28
CA GLY A 141 -6.06 -24.65 -18.36
C GLY A 141 -6.62 -24.67 -16.96
N TYR A 142 -7.76 -25.35 -16.75
CA TYR A 142 -8.35 -25.54 -15.42
C TYR A 142 -7.34 -26.11 -14.46
N ILE A 143 -7.49 -25.80 -13.18
CA ILE A 143 -6.76 -26.51 -12.12
C ILE A 143 -7.71 -26.97 -11.02
N HIS A 144 -7.58 -28.25 -10.66
CA HIS A 144 -8.39 -28.88 -9.62
C HIS A 144 -7.53 -28.79 -8.35
N THR A 145 -7.85 -27.82 -7.51
CA THR A 145 -6.96 -27.37 -6.39
C THR A 145 -6.58 -28.46 -5.36
N PRO A 146 -7.54 -29.32 -4.97
CA PRO A 146 -7.27 -30.57 -4.25
C PRO A 146 -6.04 -31.39 -4.70
N VAL A 147 -5.82 -31.53 -6.01
CA VAL A 147 -4.69 -32.35 -6.52
C VAL A 147 -3.34 -31.60 -6.70
N VAL A 148 -3.25 -30.36 -6.22
CA VAL A 148 -1.94 -29.74 -5.96
C VAL A 148 -1.52 -30.27 -4.57
N ILE A 149 -0.55 -31.21 -4.58
CA ILE A 149 -0.14 -32.03 -3.43
C ILE A 149 1.29 -31.68 -2.97
N GLU A 150 1.40 -30.97 -1.84
CA GLU A 150 2.68 -30.59 -1.21
C GLU A 150 3.48 -29.65 -2.11
N PHE A 189 -17.29 -23.25 -9.79
CA PHE A 189 -17.06 -21.81 -9.64
C PHE A 189 -15.76 -21.50 -8.88
N GLU A 190 -14.75 -22.36 -9.07
CA GLU A 190 -13.40 -22.15 -8.51
C GLU A 190 -12.43 -21.63 -9.56
N THR A 191 -12.83 -20.46 -10.02
CA THR A 191 -12.16 -19.66 -11.00
C THR A 191 -11.37 -18.55 -10.26
N TYR A 192 -11.54 -18.44 -8.94
CA TYR A 192 -10.94 -17.34 -8.13
C TYR A 192 -9.45 -17.57 -7.95
N ASN A 193 -9.11 -18.84 -7.71
CA ASN A 193 -7.73 -19.28 -7.60
C ASN A 193 -6.92 -19.06 -8.87
N LEU A 194 -7.55 -19.17 -10.03
CA LEU A 194 -6.86 -18.94 -11.29
C LEU A 194 -6.28 -17.55 -11.43
N GLY A 195 -6.98 -16.54 -10.96
CA GLY A 195 -6.48 -15.18 -11.07
C GLY A 195 -5.15 -14.96 -10.36
N HIS A 196 -4.94 -15.68 -9.26
CA HIS A 196 -3.73 -15.56 -8.50
C HIS A 196 -2.62 -16.34 -9.14
N LEU A 197 -2.95 -17.45 -9.80
CA LEU A 197 -1.97 -18.16 -10.61
C LEU A 197 -1.38 -17.27 -11.70
N MET A 198 -2.19 -16.41 -12.32
CA MET A 198 -1.67 -15.52 -13.35
C MET A 198 -0.50 -14.68 -12.82
N MET A 199 -0.71 -13.98 -11.72
CA MET A 199 0.32 -13.10 -11.23
C MET A 199 1.53 -13.86 -10.72
N ALA A 200 1.31 -15.05 -10.15
CA ALA A 200 2.42 -15.87 -9.66
C ALA A 200 3.34 -16.28 -10.80
N GLY A 201 2.73 -16.61 -11.92
CA GLY A 201 3.47 -17.05 -13.07
C GLY A 201 4.23 -15.94 -13.76
N ILE A 202 3.60 -14.76 -13.86
CA ILE A 202 4.24 -13.59 -14.48
C ILE A 202 5.49 -13.21 -13.65
N VAL A 203 5.27 -13.05 -12.35
CA VAL A 203 6.32 -12.69 -11.42
C VAL A 203 7.44 -13.74 -11.41
N HIS A 204 7.08 -15.01 -11.46
CA HIS A 204 8.09 -16.04 -11.51
C HIS A 204 8.92 -15.94 -12.79
N HIS A 205 8.26 -15.75 -13.92
CA HIS A 205 8.92 -15.57 -15.23
C HIS A 205 9.91 -14.43 -15.22
N ARG A 206 9.48 -13.31 -14.68
CA ARG A 206 10.28 -12.10 -14.63
C ARG A 206 11.51 -12.22 -13.74
N ALA A 207 11.44 -13.05 -12.70
CA ALA A 207 12.50 -13.22 -11.71
C ALA A 207 13.53 -14.26 -12.09
N THR A 208 13.09 -15.39 -12.64
CA THR A 208 13.92 -16.56 -12.91
C THR A 208 14.32 -16.72 -14.39
N GLY A 209 13.55 -16.13 -15.29
CA GLY A 209 13.71 -16.38 -16.72
C GLY A 209 12.90 -17.57 -17.22
N LYS A 210 12.50 -18.45 -16.31
CA LYS A 210 11.92 -19.73 -16.69
C LYS A 210 10.45 -19.61 -17.10
N THR A 211 10.09 -20.43 -18.08
CA THR A 211 8.75 -20.50 -18.65
C THR A 211 7.85 -21.60 -17.99
N THR A 212 8.38 -22.27 -16.98
CA THR A 212 7.72 -23.41 -16.35
C THR A 212 6.34 -23.04 -15.72
N LEU A 213 6.30 -22.01 -14.87
CA LEU A 213 5.02 -21.60 -14.26
C LEU A 213 4.24 -20.68 -15.19
N PHE A 214 4.96 -19.84 -15.93
CA PHE A 214 4.32 -18.93 -16.89
C PHE A 214 3.35 -19.61 -17.84
N ASP A 215 3.79 -20.72 -18.44
CA ASP A 215 2.95 -21.51 -19.35
C ASP A 215 1.71 -22.03 -18.64
N ALA A 216 1.84 -22.43 -17.38
CA ALA A 216 0.66 -22.75 -16.54
C ALA A 216 -0.29 -21.57 -16.41
N ALA A 217 0.26 -20.38 -16.24
CA ALA A 217 -0.55 -19.17 -16.18
C ALA A 217 -1.25 -18.77 -17.52
N VAL A 218 -0.51 -18.75 -18.64
CA VAL A 218 -1.09 -18.46 -19.97
C VAL A 218 -2.32 -19.37 -20.27
N LYS A 219 -2.21 -20.64 -19.90
CA LYS A 219 -3.33 -21.58 -20.04
C LYS A 219 -4.51 -21.23 -19.13
N ALA A 220 -4.22 -20.88 -17.88
CA ALA A 220 -5.27 -20.46 -16.93
C ALA A 220 -6.05 -19.27 -17.45
N THR A 221 -5.30 -18.33 -18.02
CA THR A 221 -5.84 -17.13 -18.60
C THR A 221 -6.78 -17.46 -19.76
N ASP A 222 -6.35 -18.36 -20.65
CA ASP A 222 -7.18 -18.80 -21.80
C ASP A 222 -8.48 -19.45 -21.32
N PHE A 223 -8.37 -20.19 -20.22
CA PHE A 223 -9.53 -20.79 -19.60
C PHE A 223 -10.54 -19.73 -19.10
N LEU A 224 -10.07 -18.69 -18.43
CA LEU A 224 -10.93 -17.59 -18.05
C LEU A 224 -11.58 -16.92 -19.26
N CYS A 225 -10.83 -16.70 -20.34
CA CYS A 225 -11.44 -16.08 -21.53
C CYS A 225 -12.62 -16.92 -22.04
N HIS A 226 -12.48 -18.23 -21.98
CA HIS A 226 -13.55 -19.14 -22.36
C HIS A 226 -14.68 -19.03 -21.35
N PHE A 227 -14.34 -19.03 -20.07
CA PHE A 227 -15.33 -18.94 -19.01
C PHE A 227 -16.21 -17.67 -19.08
N TYR A 228 -15.64 -16.54 -19.48
CA TYR A 228 -16.38 -15.28 -19.59
C TYR A 228 -17.11 -15.14 -20.91
N GLU A 229 -16.65 -15.84 -21.94
CA GLU A 229 -17.34 -15.90 -23.23
C GLU A 229 -18.57 -16.84 -23.24
N THR A 230 -18.75 -17.63 -22.20
CA THR A 230 -19.64 -18.80 -22.22
C THR A 230 -20.65 -18.81 -21.08
N ALA A 231 -20.17 -18.60 -19.84
CA ALA A 231 -21.02 -18.43 -18.64
C ALA A 231 -22.04 -17.30 -18.72
N SER A 232 -22.96 -17.32 -17.77
CA SER A 232 -24.13 -16.43 -17.77
C SER A 232 -23.80 -15.00 -17.37
N ALA A 233 -24.37 -14.05 -18.13
CA ALA A 233 -24.25 -12.60 -17.93
C ALA A 233 -24.30 -12.26 -16.46
N GLU A 234 -25.27 -12.85 -15.76
CA GLU A 234 -25.45 -12.71 -14.31
C GLU A 234 -24.59 -13.72 -13.49
N LEU A 235 -23.34 -13.92 -13.90
CA LEU A 235 -22.28 -14.32 -12.98
C LEU A 235 -21.38 -13.09 -12.79
N ALA A 236 -21.79 -12.25 -11.83
CA ALA A 236 -20.94 -11.25 -11.21
C ALA A 236 -19.94 -11.94 -10.24
N ARG A 237 -20.27 -13.16 -9.75
CA ARG A 237 -19.51 -13.86 -8.66
C ARG A 237 -18.14 -14.39 -9.06
N ASN A 238 -18.06 -15.04 -10.21
CA ASN A 238 -16.79 -15.33 -10.91
C ASN A 238 -15.67 -14.28 -10.74
N ALA A 239 -16.01 -13.00 -10.91
CA ALA A 239 -15.07 -11.88 -10.80
C ALA A 239 -15.14 -11.14 -9.45
N ILE A 240 -15.91 -11.65 -8.45
CA ILE A 240 -15.87 -11.16 -7.02
C ILE A 240 -14.41 -11.29 -6.46
N CYS A 241 -13.55 -12.07 -7.12
CA CYS A 241 -12.09 -11.88 -7.02
C CYS A 241 -11.68 -10.71 -7.92
N PRO A 242 -11.24 -9.59 -7.31
CA PRO A 242 -10.88 -8.39 -8.07
C PRO A 242 -9.40 -8.29 -8.47
N SER A 243 -8.58 -9.21 -7.94
CA SER A 243 -7.24 -9.49 -8.47
C SER A 243 -7.25 -9.67 -9.99
N HIS A 244 -8.29 -10.32 -10.48
CA HIS A 244 -8.48 -10.64 -11.90
C HIS A 244 -8.16 -9.50 -12.88
N TYR A 245 -8.61 -8.29 -12.58
CA TYR A 245 -8.55 -7.16 -13.53
C TYR A 245 -7.10 -6.80 -13.84
N MET A 246 -6.29 -6.73 -12.79
CA MET A 246 -4.86 -6.47 -12.87
C MET A 246 -4.12 -7.64 -13.53
N GLY A 247 -4.38 -8.87 -13.07
CA GLY A 247 -3.76 -10.09 -13.61
C GLY A 247 -3.92 -10.27 -15.10
N VAL A 248 -5.11 -9.95 -15.61
CA VAL A 248 -5.43 -10.11 -17.03
C VAL A 248 -4.75 -9.03 -17.88
N VAL A 249 -4.70 -7.79 -17.40
CA VAL A 249 -3.95 -6.72 -18.09
C VAL A 249 -2.44 -6.99 -17.98
N GLU A 250 -2.01 -7.54 -16.85
CA GLU A 250 -0.61 -7.87 -16.74
C GLU A 250 -0.25 -9.05 -17.68
N MET A 251 -1.20 -9.93 -17.96
CA MET A 251 -0.95 -10.99 -18.92
C MET A 251 -0.90 -10.49 -20.34
N TYR A 252 -1.74 -9.52 -20.67
CA TYR A 252 -1.64 -8.87 -22.00
C TYR A 252 -0.29 -8.21 -22.15
N ARG A 253 0.09 -7.41 -21.15
CA ARG A 253 1.44 -6.88 -21.04
C ARG A 253 2.53 -7.90 -21.23
N ALA A 254 2.38 -9.08 -20.66
CA ALA A 254 3.38 -10.14 -20.76
C ALA A 254 3.37 -10.97 -22.04
N THR A 255 2.26 -11.00 -22.78
CA THR A 255 2.14 -11.88 -23.96
C THR A 255 1.86 -11.19 -25.27
N GLY A 256 1.30 -9.97 -25.24
CA GLY A 256 0.89 -9.24 -26.44
C GLY A 256 -0.42 -9.76 -26.99
N ASN A 257 -1.11 -10.61 -26.25
CA ASN A 257 -2.26 -11.33 -26.78
C ASN A 257 -3.54 -10.49 -26.67
N PRO A 258 -4.02 -9.91 -27.81
CA PRO A 258 -5.17 -8.96 -27.81
C PRO A 258 -6.44 -9.45 -27.14
N ARG A 259 -6.64 -10.76 -27.13
CA ARG A 259 -7.77 -11.36 -26.45
C ARG A 259 -7.84 -10.98 -24.95
N TYR A 260 -6.66 -10.75 -24.35
CA TYR A 260 -6.57 -10.47 -22.92
C TYR A 260 -6.96 -9.03 -22.60
N LEU A 261 -6.52 -8.10 -23.43
CA LEU A 261 -6.96 -6.72 -23.36
C LEU A 261 -8.47 -6.64 -23.64
N GLU A 262 -8.97 -7.37 -24.63
CA GLU A 262 -10.42 -7.34 -24.92
C GLU A 262 -11.25 -7.85 -23.75
N LEU A 263 -10.73 -8.88 -23.06
CA LEU A 263 -11.43 -9.44 -21.91
C LEU A 263 -11.51 -8.36 -20.83
N SER A 264 -10.41 -7.65 -20.60
CA SER A 264 -10.31 -6.68 -19.52
C SER A 264 -11.16 -5.45 -19.79
N LYS A 265 -11.34 -5.10 -21.07
CA LYS A 265 -12.31 -4.06 -21.44
C LYS A 265 -13.75 -4.50 -21.17
N ASN A 266 -14.08 -5.73 -21.56
CA ASN A 266 -15.43 -6.26 -21.32
C ASN A 266 -15.79 -6.33 -19.84
N LEU A 267 -14.86 -6.78 -19.02
CA LEU A 267 -15.04 -6.84 -17.59
C LEU A 267 -15.46 -5.49 -16.96
N ILE A 268 -14.96 -4.37 -17.52
CA ILE A 268 -15.37 -3.00 -17.08
C ILE A 268 -16.78 -2.65 -17.65
N ASP A 269 -16.91 -2.87 -18.95
CA ASP A 269 -18.17 -2.60 -19.64
C ASP A 269 -19.38 -3.33 -19.06
N ILE A 270 -19.20 -4.53 -18.54
CA ILE A 270 -20.26 -5.30 -17.95
C ILE A 270 -20.77 -4.69 -16.63
N ARG A 271 -19.88 -4.18 -15.79
CA ARG A 271 -20.30 -3.70 -14.49
C ARG A 271 -21.57 -2.93 -14.64
N GLY A 272 -22.60 -3.33 -13.91
CA GLY A 272 -23.84 -2.59 -13.86
C GLY A 272 -24.76 -2.82 -15.01
N MET A 273 -24.54 -3.87 -15.79
CA MET A 273 -25.44 -4.26 -16.87
C MET A 273 -26.11 -5.56 -16.38
N VAL A 274 -26.64 -5.48 -15.17
CA VAL A 274 -27.18 -6.65 -14.48
C VAL A 274 -28.29 -6.14 -13.58
N GLU A 275 -29.26 -7.01 -13.33
CA GLU A 275 -30.31 -6.71 -12.39
C GLU A 275 -29.73 -6.65 -10.96
N SER A 276 -30.14 -5.64 -10.19
CA SER A 276 -29.75 -5.48 -8.79
C SER A 276 -28.28 -5.87 -8.48
N GLY A 277 -27.39 -5.09 -9.09
CA GLY A 277 -26.06 -4.95 -8.55
C GLY A 277 -26.13 -4.10 -7.28
N THR A 278 -24.98 -3.91 -6.62
CA THR A 278 -24.97 -3.30 -5.33
C THR A 278 -23.85 -2.30 -5.25
N ASP A 279 -24.05 -1.24 -4.48
CA ASP A 279 -22.97 -0.31 -4.14
C ASP A 279 -21.80 -1.12 -3.53
N ASP A 280 -22.14 -2.07 -2.69
CA ASP A 280 -21.17 -2.89 -1.98
C ASP A 280 -20.24 -3.62 -2.93
N ASN A 281 -20.75 -4.10 -4.07
CA ASN A 281 -19.89 -4.62 -5.14
C ASN A 281 -19.62 -3.62 -6.30
N GLN A 282 -19.72 -2.31 -6.01
CA GLN A 282 -19.53 -1.24 -7.00
C GLN A 282 -20.17 -1.56 -8.37
N ASP A 283 -21.38 -2.16 -8.37
CA ASP A 283 -22.00 -2.57 -9.62
C ASP A 283 -23.52 -2.33 -9.68
N ARG A 284 -24.03 -1.35 -8.90
CA ARG A 284 -25.43 -0.93 -8.97
C ARG A 284 -25.66 -0.21 -10.30
N ILE A 285 -24.69 0.62 -10.67
CA ILE A 285 -24.70 1.43 -11.89
C ILE A 285 -23.43 1.13 -12.68
N PRO A 286 -23.44 1.42 -13.99
CA PRO A 286 -22.21 1.21 -14.78
C PRO A 286 -20.99 1.95 -14.26
N PHE A 287 -19.79 1.48 -14.63
CA PHE A 287 -18.59 2.14 -14.14
C PHE A 287 -18.48 3.58 -14.59
N ARG A 288 -18.94 3.88 -15.79
CA ARG A 288 -18.72 5.24 -16.34
C ARG A 288 -19.60 6.28 -15.70
N ASP A 289 -20.62 5.85 -14.95
CA ASP A 289 -21.48 6.74 -14.14
C ASP A 289 -20.96 6.98 -12.74
N GLN A 290 -19.95 6.23 -12.31
CA GLN A 290 -19.40 6.32 -10.95
C GLN A 290 -18.37 7.40 -10.88
N TYR A 291 -18.61 8.41 -10.04
CA TYR A 291 -17.63 9.49 -9.81
C TYR A 291 -17.25 9.63 -8.32
N ARG A 292 -17.56 8.59 -7.54
CA ARG A 292 -17.30 8.56 -6.12
C ARG A 292 -16.90 7.12 -5.67
N ALA A 293 -16.17 7.02 -4.57
CA ALA A 293 -15.84 5.72 -3.95
C ALA A 293 -17.06 5.15 -3.30
N MET A 294 -17.20 3.83 -3.27
CA MET A 294 -18.50 3.25 -2.96
C MET A 294 -18.67 2.25 -1.82
N GLY A 295 -18.12 1.05 -1.95
CA GLY A 295 -18.65 -0.03 -1.07
C GLY A 295 -17.59 -0.75 -0.27
N HIS A 296 -17.57 -2.07 -0.36
CA HIS A 296 -16.46 -2.88 0.16
C HIS A 296 -15.11 -2.34 -0.39
N ALA A 297 -14.22 -1.87 0.50
CA ALA A 297 -13.11 -1.04 0.07
C ALA A 297 -12.04 -1.79 -0.75
N VAL A 298 -11.86 -3.07 -0.45
CA VAL A 298 -10.93 -3.93 -1.19
C VAL A 298 -11.42 -4.05 -2.64
N ARG A 299 -12.69 -4.47 -2.80
CA ARG A 299 -13.29 -4.61 -4.11
C ARG A 299 -13.21 -3.27 -4.87
N ALA A 300 -13.53 -2.18 -4.18
CA ALA A 300 -13.46 -0.83 -4.74
C ALA A 300 -12.08 -0.49 -5.27
N ASN A 301 -11.12 -0.59 -4.39
CA ASN A 301 -9.81 -0.09 -4.68
C ASN A 301 -9.14 -0.97 -5.75
N TYR A 302 -9.29 -2.30 -5.66
CA TYR A 302 -8.77 -3.21 -6.70
C TYR A 302 -9.42 -2.95 -8.06
N LEU A 303 -10.73 -2.65 -8.08
CA LEU A 303 -11.42 -2.19 -9.30
C LEU A 303 -10.74 -0.97 -9.85
N TYR A 304 -10.57 0.05 -9.00
CA TYR A 304 -10.02 1.32 -9.48
C TYR A 304 -8.61 1.15 -10.09
N ALA A 305 -7.81 0.33 -9.41
CA ALA A 305 -6.51 -0.06 -9.89
C ALA A 305 -6.57 -0.69 -11.27
N GLY A 306 -7.43 -1.71 -11.40
CA GLY A 306 -7.61 -2.48 -12.62
C GLY A 306 -8.03 -1.58 -13.77
N VAL A 307 -8.92 -0.63 -13.50
CA VAL A 307 -9.36 0.32 -14.52
C VAL A 307 -8.22 1.23 -15.01
N ALA A 308 -7.34 1.65 -14.10
CA ALA A 308 -6.19 2.44 -14.45
C ALA A 308 -5.28 1.67 -15.35
N ASP A 309 -5.13 0.39 -15.04
CA ASP A 309 -4.41 -0.54 -15.92
C ASP A 309 -5.03 -0.65 -17.32
N VAL A 310 -6.35 -0.71 -17.43
CA VAL A 310 -6.99 -0.68 -18.76
C VAL A 310 -6.75 0.66 -19.41
N TYR A 311 -6.89 1.75 -18.65
CA TYR A 311 -6.62 3.08 -19.20
C TYR A 311 -5.21 3.19 -19.78
N ALA A 312 -4.22 2.62 -19.08
CA ALA A 312 -2.83 2.63 -19.56
C ALA A 312 -2.69 2.12 -20.99
N GLU A 313 -3.54 1.17 -21.35
CA GLU A 313 -3.52 0.52 -22.65
C GLU A 313 -4.46 1.17 -23.64
N THR A 314 -5.67 1.59 -23.23
CA THR A 314 -6.71 2.10 -24.18
C THR A 314 -6.79 3.62 -24.42
N GLY A 315 -6.28 4.41 -23.46
CA GLY A 315 -6.32 5.88 -23.53
C GLY A 315 -7.70 6.47 -23.56
N GLU A 316 -8.71 5.74 -23.09
CA GLU A 316 -10.11 6.21 -23.09
C GLU A 316 -10.27 7.28 -22.03
N GLN A 317 -10.34 8.53 -22.44
CA GLN A 317 -10.35 9.62 -21.48
C GLN A 317 -11.41 9.51 -20.40
N GLN A 318 -12.59 9.00 -20.75
CA GLN A 318 -13.73 8.96 -19.82
C GLN A 318 -13.35 8.21 -18.56
N LEU A 319 -12.68 7.09 -18.70
CA LEU A 319 -12.13 6.35 -17.55
C LEU A 319 -11.31 7.21 -16.57
N MET A 320 -10.42 8.07 -17.08
CA MET A 320 -9.64 9.00 -16.25
C MET A 320 -10.53 10.11 -15.68
N LYS A 321 -11.63 10.44 -16.34
CA LYS A 321 -12.63 11.35 -15.72
C LYS A 321 -13.25 10.71 -14.47
N ASN A 322 -13.54 9.41 -14.54
CA ASN A 322 -14.03 8.66 -13.40
C ASN A 322 -12.94 8.48 -12.38
N LEU A 323 -11.77 8.05 -12.81
CA LEU A 323 -10.71 7.69 -11.85
C LEU A 323 -10.24 8.88 -11.07
N THR A 324 -10.18 10.07 -11.69
CA THR A 324 -9.76 11.29 -10.96
C THR A 324 -10.80 11.87 -9.99
N SER A 325 -12.10 11.78 -10.20
CA SER A 325 -13.01 12.21 -9.11
C SER A 325 -13.15 11.14 -8.02
N ILE A 326 -12.96 9.87 -8.36
CA ILE A 326 -12.97 8.79 -7.36
C ILE A 326 -11.71 8.93 -6.47
N TRP A 327 -10.56 9.18 -7.09
CA TRP A 327 -9.32 9.31 -6.32
C TRP A 327 -9.53 10.49 -5.40
N ASN A 328 -9.97 11.59 -5.97
CA ASN A 328 -10.26 12.79 -5.24
C ASN A 328 -11.20 12.57 -4.05
N ASP A 329 -12.28 11.83 -4.26
CA ASP A 329 -13.28 11.49 -3.23
C ASP A 329 -12.65 10.73 -2.04
N ILE A 330 -11.93 9.68 -2.35
CA ILE A 330 -11.19 8.94 -1.38
C ILE A 330 -10.26 9.84 -0.56
N VAL A 331 -9.42 10.60 -1.23
CA VAL A 331 -8.27 11.20 -0.58
C VAL A 331 -8.65 12.45 0.17
N THR A 332 -9.59 13.21 -0.34
CA THR A 332 -9.98 14.43 0.36
C THR A 332 -11.19 14.21 1.33
N ARG A 333 -11.84 13.04 1.24
CA ARG A 333 -13.11 12.87 1.96
C ARG A 333 -13.32 11.57 2.68
N LYS A 334 -12.61 10.50 2.31
CA LYS A 334 -12.93 9.16 2.83
C LYS A 334 -11.73 8.28 3.18
N MET A 335 -10.59 8.88 3.51
CA MET A 335 -9.37 8.11 3.75
C MET A 335 -8.85 8.49 5.10
N TYR A 336 -8.46 7.49 5.87
CA TYR A 336 -7.80 7.78 7.13
C TYR A 336 -6.39 8.37 6.89
N VAL A 337 -5.89 9.11 7.87
CA VAL A 337 -4.56 9.77 7.79
C VAL A 337 -3.37 8.81 7.56
N THR A 338 -3.55 7.53 7.87
CA THR A 338 -2.62 6.45 7.57
C THR A 338 -2.74 5.85 6.16
N GLY A 339 -3.65 6.37 5.34
CA GLY A 339 -3.90 5.84 3.98
C GLY A 339 -4.95 4.72 3.93
N ALA A 340 -5.44 4.31 5.09
CA ALA A 340 -6.29 3.13 5.16
C ALA A 340 -7.68 3.50 4.69
N CYS A 341 -8.41 2.50 4.21
CA CYS A 341 -9.68 2.73 3.61
C CYS A 341 -10.74 1.76 4.17
N GLY A 342 -11.90 2.31 4.50
CA GLY A 342 -13.04 1.54 4.93
C GLY A 342 -13.30 1.79 6.41
N ALA A 343 -14.25 2.68 6.64
CA ALA A 343 -14.72 3.14 7.93
C ALA A 343 -15.77 2.27 8.59
N LEU A 344 -16.46 1.42 7.83
CA LEU A 344 -17.67 0.72 8.33
C LEU A 344 -17.44 -0.76 8.27
N TYR A 345 -17.61 -1.41 9.40
CA TYR A 345 -17.78 -2.87 9.46
C TYR A 345 -19.09 -3.20 8.71
N ASP A 346 -20.19 -2.52 9.06
CA ASP A 346 -21.48 -2.73 8.43
C ASP A 346 -22.16 -1.38 8.28
N GLY A 347 -23.02 -1.22 7.29
CA GLY A 347 -23.79 0.01 7.17
C GLY A 347 -24.75 0.01 5.99
N THR A 348 -25.19 1.21 5.59
CA THR A 348 -26.11 1.37 4.48
C THR A 348 -25.57 2.39 3.49
N SER A 349 -25.85 2.15 2.20
CA SER A 349 -25.52 3.04 1.10
C SER A 349 -26.75 3.26 0.16
N PRO A 350 -27.11 4.51 -0.14
CA PRO A 350 -26.68 5.70 0.58
C PRO A 350 -27.23 5.85 2.04
N ASP A 351 -26.64 6.79 2.77
CA ASP A 351 -26.89 7.03 4.21
C ASP A 351 -27.57 8.39 4.40
N GLY A 352 -28.88 8.35 4.64
CA GLY A 352 -29.67 9.51 5.03
C GLY A 352 -30.08 10.45 3.92
N THR A 353 -29.95 10.02 2.66
CA THR A 353 -30.29 10.84 1.49
C THR A 353 -31.50 10.35 0.66
N CYS A 354 -31.89 9.08 0.82
CA CYS A 354 -32.83 8.45 -0.09
C CYS A 354 -34.20 8.14 0.54
N TYR A 355 -35.24 8.31 -0.28
CA TYR A 355 -36.63 8.17 0.12
C TYR A 355 -37.27 6.81 -0.25
N GLU A 356 -36.76 6.08 -1.26
CA GLU A 356 -37.16 4.67 -1.46
C GLU A 356 -36.26 3.79 -0.58
N PRO A 357 -36.83 3.16 0.47
CA PRO A 357 -35.96 2.30 1.29
C PRO A 357 -35.44 1.04 0.57
N ASP A 358 -36.16 0.56 -0.46
CA ASP A 358 -35.69 -0.58 -1.30
C ASP A 358 -34.43 -0.27 -2.10
N SER A 359 -34.18 1.02 -2.35
CA SER A 359 -32.91 1.50 -2.91
C SER A 359 -31.74 1.52 -1.91
N ILE A 360 -32.03 1.56 -0.61
CA ILE A 360 -31.00 1.58 0.44
C ILE A 360 -30.48 0.17 0.73
N GLN A 361 -29.19 -0.05 0.45
CA GLN A 361 -28.61 -1.38 0.55
C GLN A 361 -27.68 -1.48 1.73
N LYS A 362 -27.44 -2.69 2.21
CA LYS A 362 -26.32 -2.96 3.14
C LYS A 362 -24.95 -2.92 2.44
N VAL A 363 -23.94 -2.40 3.16
CA VAL A 363 -22.52 -2.49 2.76
C VAL A 363 -21.75 -3.16 3.90
N HIS A 364 -20.52 -3.56 3.64
CA HIS A 364 -19.68 -4.12 4.71
C HIS A 364 -18.19 -3.94 4.37
N GLN A 365 -17.36 -3.72 5.37
CA GLN A 365 -15.91 -3.56 5.19
C GLN A 365 -15.74 -2.50 4.13
N SER A 366 -16.38 -1.38 4.42
CA SER A 366 -16.81 -0.43 3.40
C SER A 366 -16.51 1.04 3.67
N TYR A 367 -16.43 1.78 2.57
CA TYR A 367 -16.38 3.22 2.58
C TYR A 367 -17.68 3.71 3.21
N GLY A 368 -17.64 4.85 3.88
CA GLY A 368 -18.81 5.49 4.54
C GLY A 368 -19.16 6.78 3.87
N ARG A 369 -19.92 7.63 4.56
CA ARG A 369 -20.25 9.00 4.12
C ARG A 369 -18.98 9.82 4.03
N PRO A 370 -18.97 10.87 3.19
CA PRO A 370 -17.86 11.79 3.21
C PRO A 370 -17.56 12.30 4.64
N TYR A 371 -16.27 12.46 4.95
CA TYR A 371 -15.81 12.81 6.28
C TYR A 371 -16.31 11.93 7.44
N GLN A 372 -16.76 10.71 7.18
CA GLN A 372 -17.13 9.81 8.28
C GLN A 372 -15.94 8.94 8.59
N LEU A 373 -15.14 9.36 9.57
CA LEU A 373 -13.86 8.70 9.85
C LEU A 373 -13.64 8.28 11.30
N PRO A 374 -14.55 7.44 11.85
CA PRO A 374 -14.42 6.97 13.23
C PRO A 374 -13.12 6.19 13.47
N ASN A 375 -12.76 6.05 14.72
CA ASN A 375 -11.44 5.65 15.10
C ASN A 375 -11.45 4.25 15.67
N SER A 376 -12.22 4.04 16.75
CA SER A 376 -12.37 2.73 17.39
C SER A 376 -12.98 1.71 16.44
N THR A 377 -13.90 2.12 15.59
CA THR A 377 -14.55 1.20 14.68
C THR A 377 -14.08 1.32 13.23
N ALA A 378 -12.96 1.97 12.97
CA ALA A 378 -12.37 1.95 11.61
C ALA A 378 -12.05 0.51 11.25
N HIS A 379 -12.54 0.06 10.11
CA HIS A 379 -12.32 -1.33 9.65
C HIS A 379 -10.91 -1.41 9.09
N ASN A 380 -10.64 -0.72 7.98
CA ASN A 380 -9.29 -0.64 7.41
C ASN A 380 -8.57 -1.98 7.27
N GLU A 381 -9.30 -2.91 6.68
CA GLU A 381 -8.80 -4.18 6.24
C GLU A 381 -7.48 -3.99 5.46
N THR A 382 -6.43 -4.72 5.84
CA THR A 382 -5.09 -4.45 5.31
C THR A 382 -5.02 -4.45 3.77
N CYS A 383 -5.81 -5.32 3.15
CA CYS A 383 -5.83 -5.47 1.70
C CYS A 383 -6.48 -4.29 1.01
N ALA A 384 -7.38 -3.61 1.70
CA ALA A 384 -8.02 -2.40 1.14
C ALA A 384 -6.98 -1.30 1.03
N ASN A 385 -6.06 -1.31 2.00
CA ASN A 385 -5.04 -0.30 2.12
C ASN A 385 -3.95 -0.59 1.04
N ILE A 386 -3.66 -1.86 0.81
CA ILE A 386 -2.82 -2.32 -0.29
C ILE A 386 -3.47 -1.96 -1.62
N GLY A 387 -4.80 -2.03 -1.66
CA GLY A 387 -5.54 -1.65 -2.85
C GLY A 387 -5.35 -0.19 -3.18
N ASN A 388 -5.54 0.68 -2.20
CA ASN A 388 -5.32 2.11 -2.38
C ASN A 388 -3.87 2.38 -2.83
N MET A 389 -2.92 1.61 -2.30
CA MET A 389 -1.51 1.73 -2.68
C MET A 389 -1.26 1.41 -4.16
N LEU A 390 -1.77 0.25 -4.59
CA LEU A 390 -1.66 -0.21 -5.96
C LEU A 390 -2.50 0.65 -6.94
N PHE A 391 -3.67 1.16 -6.52
CA PHE A 391 -4.38 2.18 -7.31
C PHE A 391 -3.46 3.37 -7.54
N ASN A 392 -2.86 3.87 -6.47
CA ASN A 392 -2.07 5.09 -6.61
C ASN A 392 -0.80 4.88 -7.44
N TRP A 393 -0.29 3.66 -7.40
CA TRP A 393 0.89 3.35 -8.15
C TRP A 393 0.58 3.38 -9.65
N ARG A 394 -0.56 2.82 -10.07
CA ARG A 394 -0.97 2.88 -11.46
C ARG A 394 -1.23 4.31 -11.91
N MET A 395 -1.90 5.07 -11.05
CA MET A 395 -2.13 6.50 -11.35
C MET A 395 -0.81 7.28 -11.51
N LEU A 396 0.17 7.00 -10.67
CA LEU A 396 1.51 7.54 -10.88
C LEU A 396 2.03 7.21 -12.29
N GLU A 397 2.02 5.94 -12.67
CA GLU A 397 2.65 5.51 -13.95
C GLU A 397 1.90 6.10 -15.19
N VAL A 398 0.60 6.18 -15.12
CA VAL A 398 -0.24 6.81 -16.15
C VAL A 398 -0.14 8.34 -16.27
N THR A 399 0.26 9.03 -15.20
CA THR A 399 0.24 10.52 -15.16
C THR A 399 1.57 11.23 -14.90
N GLY A 400 2.51 10.58 -14.23
CA GLY A 400 3.76 11.22 -13.90
C GLY A 400 3.66 12.22 -12.78
N ASP A 401 2.52 12.25 -12.08
CA ASP A 401 2.25 13.25 -11.04
C ASP A 401 2.71 12.71 -9.69
N ALA A 402 3.63 13.43 -9.06
CA ALA A 402 4.19 13.00 -7.78
C ALA A 402 3.15 12.82 -6.64
N LYS A 403 1.99 13.47 -6.77
CA LYS A 403 0.98 13.38 -5.72
C LYS A 403 0.45 11.96 -5.53
N TYR A 404 0.46 11.16 -6.60
CA TYR A 404 0.11 9.75 -6.48
C TYR A 404 1.21 8.97 -5.78
N ALA A 405 2.47 9.34 -6.02
CA ALA A 405 3.58 8.74 -5.26
C ALA A 405 3.53 8.95 -3.73
N GLU A 406 3.05 10.12 -3.29
CA GLU A 406 2.84 10.40 -1.87
C GLU A 406 1.94 9.36 -1.20
N LEU A 407 0.84 9.04 -1.86
CA LEU A 407 -0.12 8.05 -1.37
C LEU A 407 0.40 6.64 -1.33
N VAL A 408 1.21 6.28 -2.33
CA VAL A 408 1.90 4.99 -2.30
C VAL A 408 2.73 4.92 -1.01
N GLU A 409 3.47 5.98 -0.67
CA GLU A 409 4.35 5.96 0.52
C GLU A 409 3.54 5.92 1.83
N THR A 410 2.58 6.84 1.95
CA THR A 410 1.70 6.91 3.12
C THR A 410 1.09 5.55 3.41
N CYS A 411 0.54 4.91 2.38
CA CYS A 411 -0.07 3.59 2.53
C CYS A 411 0.93 2.54 2.99
N LEU A 412 2.08 2.51 2.31
CA LEU A 412 3.10 1.50 2.60
C LEU A 412 3.59 1.49 4.05
N TYR A 413 4.00 2.65 4.61
CA TYR A 413 4.46 2.70 6.01
C TYR A 413 3.30 2.58 7.04
N ASN A 414 2.14 3.13 6.76
CA ASN A 414 1.17 3.37 7.84
C ASN A 414 -0.09 2.49 7.86
N SER A 415 -0.44 1.88 6.72
CA SER A 415 -1.62 0.99 6.68
C SER A 415 -1.40 -0.34 5.99
N VAL A 416 -0.16 -0.65 5.62
CA VAL A 416 0.21 -1.95 5.04
C VAL A 416 1.23 -2.61 5.96
N LEU A 417 2.33 -1.91 6.23
CA LEU A 417 3.32 -2.36 7.17
C LEU A 417 2.74 -2.54 8.58
N SER A 418 1.67 -1.80 8.91
CA SER A 418 1.00 -1.99 10.21
C SER A 418 0.33 -3.35 10.32
N GLY A 419 0.05 -3.95 9.18
CA GLY A 419 -0.62 -5.22 9.11
C GLY A 419 0.14 -6.44 9.58
N ILE A 420 1.45 -6.29 9.80
CA ILE A 420 2.31 -7.39 10.20
C ILE A 420 3.07 -6.95 11.44
N SER A 421 3.41 -7.92 12.28
CA SER A 421 4.25 -7.72 13.48
C SER A 421 5.69 -7.36 13.11
N LEU A 422 6.44 -6.84 14.09
CA LEU A 422 7.86 -6.61 13.91
C LEU A 422 8.64 -7.94 13.82
N ASP A 423 8.23 -8.98 14.55
CA ASP A 423 8.84 -10.32 14.40
C ASP A 423 8.46 -11.11 13.14
N GLY A 424 7.71 -10.48 12.22
CA GLY A 424 7.41 -11.08 10.91
C GLY A 424 6.45 -12.24 10.89
N LYS A 425 5.78 -12.52 12.01
CA LYS A 425 5.02 -13.75 12.18
C LYS A 425 3.54 -13.59 12.43
N LYS A 426 3.14 -12.43 12.95
CA LYS A 426 1.74 -12.20 13.29
C LYS A 426 1.13 -11.09 12.42
N TYR A 427 -0.18 -11.22 12.13
CA TYR A 427 -0.88 -10.32 11.23
C TYR A 427 -2.19 -9.70 11.80
N PHE A 428 -2.47 -8.47 11.39
CA PHE A 428 -3.78 -7.87 11.59
C PHE A 428 -4.65 -8.08 10.37
N TYR A 429 -5.92 -8.37 10.60
CA TYR A 429 -6.97 -8.15 9.61
C TYR A 429 -7.43 -6.66 9.61
N THR A 430 -8.05 -6.19 10.72
CA THR A 430 -8.37 -4.76 10.89
C THR A 430 -7.16 -3.90 11.34
N ASN A 431 -7.18 -2.63 10.95
CA ASN A 431 -6.21 -1.62 11.36
C ASN A 431 -6.91 -0.41 11.99
N PRO A 432 -7.38 -0.55 13.23
CA PRO A 432 -8.06 0.54 13.88
C PRO A 432 -7.12 1.71 14.20
N LEU A 433 -7.72 2.89 14.42
CA LEU A 433 -6.96 4.05 14.90
C LEU A 433 -7.16 4.35 16.37
N ARG A 434 -7.78 3.43 17.11
CA ARG A 434 -8.01 3.56 18.54
C ARG A 434 -8.42 2.21 19.17
N ILE A 435 -7.79 1.88 20.29
CA ILE A 435 -8.28 0.83 21.18
C ILE A 435 -8.56 1.48 22.51
N SER A 436 -9.78 1.34 23.00
CA SER A 436 -10.14 1.76 24.34
C SER A 436 -10.61 0.56 25.12
N ALA A 437 -10.05 0.31 26.29
CA ALA A 437 -10.54 -0.78 27.14
C ALA A 437 -11.98 -0.57 27.68
N ASP A 438 -12.48 0.66 27.71
CA ASP A 438 -13.91 0.86 28.02
C ASP A 438 -14.89 0.48 26.89
N LEU A 439 -14.41 0.12 25.69
CA LEU A 439 -15.30 -0.11 24.56
C LEU A 439 -16.24 -1.24 24.93
N PRO A 440 -17.57 -0.96 24.96
CA PRO A 440 -18.54 -1.90 25.58
C PRO A 440 -19.05 -3.08 24.70
N TYR A 441 -18.55 -3.19 23.48
CA TYR A 441 -18.85 -4.32 22.59
C TYR A 441 -17.54 -4.84 22.05
N THR A 442 -17.57 -6.07 21.50
CA THR A 442 -16.40 -6.68 20.87
C THR A 442 -16.57 -6.70 19.36
N LEU A 443 -15.78 -5.90 18.65
CA LEU A 443 -15.83 -5.88 17.20
C LEU A 443 -15.31 -7.21 16.65
N ARG A 444 -15.79 -7.60 15.46
CA ARG A 444 -15.24 -8.72 14.70
C ARG A 444 -13.73 -8.55 14.52
N TRP A 445 -13.03 -9.68 14.48
CA TRP A 445 -11.59 -9.75 14.14
C TRP A 445 -10.71 -9.36 15.32
N PRO A 446 -9.64 -10.15 15.57
CA PRO A 446 -8.78 -9.86 16.71
C PRO A 446 -8.12 -8.48 16.65
N LYS A 447 -7.81 -7.93 17.81
CA LYS A 447 -7.20 -6.62 17.92
C LYS A 447 -5.78 -6.69 18.49
N GLU A 448 -5.24 -7.91 18.54
CA GLU A 448 -3.82 -8.13 18.66
C GLU A 448 -3.44 -8.96 17.45
N ARG A 449 -2.26 -8.74 16.90
CA ARG A 449 -1.82 -9.52 15.73
C ARG A 449 -1.73 -11.00 16.08
N THR A 450 -2.10 -11.84 15.14
CA THR A 450 -2.13 -13.29 15.35
C THR A 450 -1.38 -14.02 14.24
N GLU A 451 -0.83 -15.19 14.56
CA GLU A 451 -0.05 -15.95 13.58
C GLU A 451 -0.92 -16.90 12.79
N TYR A 452 -2.22 -16.62 12.74
CA TYR A 452 -3.25 -17.54 12.26
C TYR A 452 -3.73 -17.01 10.92
N ILE A 453 -3.06 -17.50 9.88
CA ILE A 453 -3.34 -17.15 8.50
C ILE A 453 -4.67 -17.85 8.21
N SER A 454 -4.67 -19.19 8.33
CA SER A 454 -5.84 -20.08 8.21
C SER A 454 -7.15 -19.42 7.71
N CYS A 455 -7.78 -18.59 8.56
CA CYS A 455 -9.10 -17.96 8.28
C CYS A 455 -9.06 -16.78 7.26
N PHE A 456 -8.04 -15.93 7.36
CA PHE A 456 -7.99 -14.71 6.54
C PHE A 456 -7.23 -15.04 5.23
N CYS A 457 -7.69 -14.48 4.11
CA CYS A 457 -6.94 -14.56 2.84
C CYS A 457 -5.99 -13.37 2.65
N CYS A 458 -6.01 -12.42 3.59
CA CYS A 458 -5.23 -11.20 3.49
C CYS A 458 -3.71 -11.31 3.84
N PRO A 459 -3.31 -12.09 4.91
CA PRO A 459 -1.89 -12.13 5.28
C PRO A 459 -0.92 -12.53 4.14
N PRO A 460 -1.30 -13.54 3.33
CA PRO A 460 -0.48 -13.80 2.14
C PRO A 460 -0.30 -12.58 1.22
N ASN A 461 -1.37 -11.84 0.99
CA ASN A 461 -1.28 -10.63 0.19
C ASN A 461 -0.42 -9.60 0.94
N THR A 462 -0.59 -9.50 2.26
CA THR A 462 0.22 -8.55 3.02
C THR A 462 1.71 -8.87 2.86
N LEU A 463 2.09 -10.12 3.08
CA LEU A 463 3.49 -10.54 3.03
C LEU A 463 4.11 -10.42 1.63
N ARG A 464 3.43 -10.89 0.61
CA ARG A 464 3.97 -10.72 -0.73
C ARG A 464 4.11 -9.24 -1.11
N THR A 465 3.20 -8.39 -0.62
CA THR A 465 3.29 -6.98 -0.96
C THR A 465 4.52 -6.40 -0.28
N LEU A 466 4.64 -6.63 1.03
CA LEU A 466 5.81 -6.17 1.76
C LEU A 466 7.11 -6.76 1.20
N CYS A 467 7.10 -8.03 0.78
CA CYS A 467 8.27 -8.65 0.10
C CYS A 467 8.65 -7.97 -1.24
N GLN A 468 7.80 -7.08 -1.76
CA GLN A 468 8.02 -6.39 -3.02
C GLN A 468 8.26 -4.92 -2.91
N ALA A 469 8.30 -4.37 -1.70
CA ALA A 469 8.46 -2.92 -1.46
C ALA A 469 9.52 -2.29 -2.37
N GLN A 470 10.68 -2.93 -2.48
CA GLN A 470 11.78 -2.44 -3.37
C GLN A 470 11.37 -2.11 -4.80
N ASN A 471 10.33 -2.77 -5.30
CA ASN A 471 9.81 -2.55 -6.64
C ASN A 471 9.01 -1.27 -6.77
N TYR A 472 8.88 -0.51 -5.67
CA TYR A 472 8.25 0.82 -5.65
C TYR A 472 9.24 2.02 -5.45
N ALA A 473 10.54 1.76 -5.40
CA ALA A 473 11.51 2.80 -5.03
C ALA A 473 11.72 3.78 -6.16
N TYR A 474 11.77 3.29 -7.40
CA TYR A 474 12.03 4.14 -8.57
C TYR A 474 11.03 3.87 -9.70
N THR A 475 10.89 4.82 -10.62
CA THR A 475 10.37 4.51 -11.95
C THR A 475 11.28 5.09 -13.00
N LEU A 476 11.05 4.70 -14.23
CA LEU A 476 11.81 5.23 -15.38
C LEU A 476 10.87 5.92 -16.37
N SER A 477 11.48 6.72 -17.24
CA SER A 477 10.84 7.21 -18.46
C SER A 477 11.95 7.53 -19.45
N PRO A 478 11.62 7.96 -20.66
CA PRO A 478 12.71 8.33 -21.59
C PRO A 478 13.56 9.54 -21.14
N GLU A 479 12.97 10.44 -20.36
CA GLU A 479 13.66 11.59 -19.77
C GLU A 479 14.73 11.25 -18.71
N GLY A 480 14.63 10.09 -18.06
CA GLY A 480 15.56 9.72 -16.97
C GLY A 480 14.95 8.82 -15.90
N ILE A 481 15.40 9.01 -14.65
CA ILE A 481 15.09 8.15 -13.49
C ILE A 481 14.48 8.93 -12.31
N TYR A 482 13.40 8.38 -11.74
CA TYR A 482 12.66 9.04 -10.67
C TYR A 482 12.86 8.35 -9.34
N CYS A 483 13.26 9.12 -8.32
CA CYS A 483 13.34 8.59 -6.96
C CYS A 483 11.98 8.82 -6.27
N ASN A 484 11.23 7.73 -6.08
CA ASN A 484 9.92 7.77 -5.50
C ASN A 484 9.86 7.39 -4.02
N LEU A 485 10.43 6.25 -3.62
CA LEU A 485 10.45 5.88 -2.20
C LEU A 485 11.87 5.79 -1.72
N TYR A 486 12.24 6.76 -0.87
CA TYR A 486 13.57 6.83 -0.29
C TYR A 486 13.82 5.70 0.70
N GLY A 487 15.07 5.24 0.71
CA GLY A 487 15.52 4.10 1.53
C GLY A 487 16.85 3.61 0.97
N ALA A 488 17.71 3.12 1.85
CA ALA A 488 19.04 2.71 1.45
C ALA A 488 18.91 1.54 0.48
N ASN A 489 19.55 1.65 -0.69
CA ASN A 489 19.43 0.66 -1.74
C ASN A 489 20.52 0.75 -2.82
N THR A 490 20.69 -0.34 -3.57
CA THR A 490 21.29 -0.29 -4.90
C THR A 490 20.23 -0.35 -6.01
N LEU A 491 20.48 0.36 -7.10
CA LEU A 491 19.76 0.19 -8.35
C LEU A 491 20.73 -0.05 -9.49
N THR A 492 20.56 -1.17 -10.21
CA THR A 492 21.22 -1.43 -11.49
C THR A 492 20.18 -1.77 -12.56
N THR A 493 19.91 -0.79 -13.41
CA THR A 493 19.11 -0.99 -14.61
C THR A 493 20.03 -0.95 -15.83
N ASN A 494 19.46 -1.27 -16.98
CA ASN A 494 20.07 -1.00 -18.27
C ASN A 494 19.36 0.24 -18.79
N TRP A 495 20.11 1.24 -19.24
CA TRP A 495 19.49 2.50 -19.66
C TRP A 495 19.39 2.65 -21.19
N LYS A 496 18.27 2.18 -21.74
CA LYS A 496 18.00 2.13 -23.18
C LYS A 496 18.96 1.13 -23.82
N ASP A 497 19.12 1.21 -25.14
CA ASP A 497 20.17 0.44 -25.83
C ASP A 497 21.53 1.16 -25.64
N LYS A 498 22.06 1.17 -24.40
CA LYS A 498 23.30 1.89 -24.04
C LYS A 498 24.23 1.14 -23.09
N GLY A 499 23.71 0.41 -22.12
CA GLY A 499 24.51 -0.33 -21.15
C GLY A 499 23.99 -0.10 -19.73
N GLU A 500 24.74 -0.62 -18.75
CA GLU A 500 24.35 -0.55 -17.34
C GLU A 500 24.39 0.87 -16.83
N LEU A 501 23.46 1.18 -15.94
CA LEU A 501 23.52 2.35 -15.11
C LEU A 501 23.30 1.80 -13.73
N ALA A 502 24.23 2.04 -12.83
CA ALA A 502 24.08 1.55 -11.46
C ALA A 502 24.21 2.71 -10.53
N LEU A 503 23.38 2.76 -9.50
CA LEU A 503 23.57 3.78 -8.48
C LEU A 503 23.37 3.25 -7.07
N VAL A 504 23.85 4.02 -6.12
CA VAL A 504 23.80 3.66 -4.71
C VAL A 504 23.13 4.80 -3.94
N GLN A 505 22.10 4.44 -3.17
CA GLN A 505 21.32 5.38 -2.40
C GLN A 505 21.68 5.16 -0.95
N GLU A 506 22.12 6.21 -0.25
CA GLU A 506 22.44 6.12 1.16
C GLU A 506 21.57 7.11 1.89
N THR A 507 20.90 6.64 2.95
CA THR A 507 20.03 7.48 3.80
C THR A 507 19.49 6.71 5.00
N ASP A 508 19.16 7.40 6.10
CA ASP A 508 18.57 6.70 7.26
C ASP A 508 17.06 6.90 7.30
N TYR A 509 16.50 7.40 6.19
CA TYR A 509 15.05 7.52 5.94
C TYR A 509 14.36 6.20 6.29
N PRO A 510 13.16 6.23 6.87
CA PRO A 510 12.40 7.42 7.21
C PRO A 510 12.82 8.19 8.48
N TRP A 511 13.87 7.72 9.18
CA TRP A 511 14.23 8.31 10.46
C TRP A 511 14.84 9.69 10.31
N GLU A 512 15.48 9.96 9.17
CA GLU A 512 16.07 11.27 8.85
C GLU A 512 15.85 11.57 7.38
N GLY A 513 15.92 12.83 7.03
CA GLY A 513 15.54 13.31 5.70
C GLY A 513 16.71 13.62 4.79
N ASN A 514 17.84 12.91 4.96
CA ASN A 514 19.03 13.15 4.15
C ASN A 514 19.26 12.01 3.20
N VAL A 515 19.22 12.29 1.90
CA VAL A 515 19.44 11.26 0.88
C VAL A 515 20.65 11.57 0.00
N ARG A 516 21.45 10.55 -0.26
CA ARG A 516 22.56 10.67 -1.14
C ARG A 516 22.43 9.60 -2.19
N VAL A 517 22.46 10.05 -3.46
CA VAL A 517 22.49 9.19 -4.62
C VAL A 517 23.89 9.29 -5.23
N THR A 518 24.54 8.14 -5.32
CA THR A 518 25.89 8.07 -5.85
C THR A 518 25.81 7.24 -7.12
N LEU A 519 26.38 7.75 -8.22
CA LEU A 519 26.42 7.04 -9.50
C LEU A 519 27.64 6.18 -9.71
N ASN A 520 27.51 4.85 -9.63
CA ASN A 520 28.65 3.93 -9.83
C ASN A 520 28.98 3.78 -11.29
N LYS A 521 28.05 3.26 -12.07
CA LYS A 521 28.29 3.06 -13.50
C LYS A 521 27.32 3.92 -14.28
N VAL A 522 27.85 4.66 -15.23
CA VAL A 522 27.08 5.39 -16.21
C VAL A 522 27.57 4.85 -17.52
N PRO A 523 26.65 4.47 -18.42
CA PRO A 523 27.17 4.04 -19.73
C PRO A 523 27.72 5.26 -20.50
N ARG A 524 28.82 5.06 -21.24
CA ARG A 524 29.57 6.18 -21.82
C ARG A 524 28.81 6.96 -22.90
N LYS A 525 27.91 6.28 -23.61
CA LYS A 525 27.16 6.91 -24.71
C LYS A 525 25.79 7.48 -24.32
N ALA A 526 25.45 7.50 -23.02
CA ALA A 526 24.24 8.20 -22.55
C ALA A 526 24.50 9.68 -22.68
N GLY A 527 23.46 10.45 -22.96
CA GLY A 527 23.65 11.88 -23.22
C GLY A 527 23.67 12.63 -21.92
N ALA A 528 23.00 13.77 -21.92
CA ALA A 528 22.42 14.31 -20.70
C ALA A 528 21.14 13.50 -20.46
N PHE A 529 20.83 13.29 -19.20
CA PHE A 529 19.55 12.71 -18.78
C PHE A 529 19.33 13.13 -17.33
N SER A 530 18.08 13.06 -16.88
CA SER A 530 17.70 13.63 -15.57
C SER A 530 17.70 12.63 -14.41
N LEU A 531 17.86 13.16 -13.22
CA LEU A 531 17.55 12.43 -11.99
C LEU A 531 16.50 13.23 -11.26
N PHE A 532 15.31 12.67 -11.11
CA PHE A 532 14.20 13.38 -10.48
C PHE A 532 14.11 12.93 -9.05
N PHE A 533 13.89 13.88 -8.13
CA PHE A 533 13.68 13.57 -6.70
C PHE A 533 12.33 14.07 -6.24
N ARG A 534 11.50 13.16 -5.78
CA ARG A 534 10.19 13.57 -5.28
C ARG A 534 10.41 14.45 -4.04
N ILE A 535 9.72 15.58 -4.00
CA ILE A 535 9.56 16.35 -2.77
C ILE A 535 8.24 15.97 -2.10
N PRO A 536 8.28 15.26 -0.93
CA PRO A 536 7.06 14.91 -0.19
C PRO A 536 6.11 16.08 0.13
N GLU A 537 4.82 15.76 0.12
CA GLU A 537 3.74 16.70 0.41
C GLU A 537 3.95 17.26 1.79
N TRP A 538 4.37 16.41 2.72
CA TRP A 538 4.73 16.86 4.06
C TRP A 538 5.93 17.82 4.20
N CYS A 539 6.77 17.96 3.15
CA CYS A 539 8.07 18.67 3.27
C CYS A 539 8.03 20.16 2.87
N GLY A 540 8.25 21.02 3.87
CA GLY A 540 8.21 22.47 3.69
C GLY A 540 9.49 23.15 3.20
N LYS A 541 10.65 22.55 3.48
CA LYS A 541 11.94 23.03 2.94
C LYS A 541 12.71 21.85 2.45
N ALA A 542 13.36 22.01 1.30
CA ALA A 542 14.29 21.00 0.86
C ALA A 542 15.36 21.58 -0.05
N ALA A 543 16.55 21.00 0.00
CA ALA A 543 17.69 21.49 -0.79
C ALA A 543 18.41 20.33 -1.46
N LEU A 544 18.97 20.64 -2.64
CA LEU A 544 19.84 19.74 -3.39
C LEU A 544 21.31 20.21 -3.48
N THR A 545 22.22 19.25 -3.59
CA THR A 545 23.61 19.53 -3.97
C THR A 545 24.05 18.50 -5.01
N VAL A 546 25.01 18.87 -5.86
CA VAL A 546 25.66 17.93 -6.78
C VAL A 546 27.18 17.99 -6.65
N ASN A 547 27.74 16.88 -6.17
CA ASN A 547 29.11 16.80 -5.70
C ASN A 547 29.46 17.91 -4.69
N GLY A 548 28.52 18.23 -3.79
CA GLY A 548 28.66 19.33 -2.82
C GLY A 548 28.22 20.73 -3.26
N GLN A 549 27.86 20.91 -4.53
CA GLN A 549 27.59 22.23 -5.11
C GLN A 549 26.08 22.47 -5.25
N PRO A 550 25.54 23.60 -4.70
CA PRO A 550 24.07 23.72 -4.69
C PRO A 550 23.44 23.96 -6.07
N VAL A 551 22.32 23.28 -6.32
CA VAL A 551 21.47 23.50 -7.48
C VAL A 551 20.36 24.43 -7.05
N SER A 552 19.81 25.21 -7.97
CA SER A 552 18.58 25.96 -7.69
C SER A 552 17.39 24.98 -7.60
N MET A 553 16.74 25.00 -6.45
CA MET A 553 15.56 24.20 -6.16
C MET A 553 14.33 24.91 -6.74
N ASN A 554 13.86 24.39 -7.87
CA ASN A 554 12.68 24.91 -8.54
C ASN A 554 11.41 24.48 -7.78
N ALA A 555 11.34 23.18 -7.49
CA ALA A 555 10.07 22.53 -7.20
C ALA A 555 9.46 22.75 -5.80
N LYS A 556 8.15 22.56 -5.78
CA LYS A 556 7.33 22.71 -4.59
C LYS A 556 7.11 21.35 -3.93
N ALA A 557 6.41 21.37 -2.82
CA ALA A 557 5.91 20.12 -2.24
C ALA A 557 5.03 19.33 -3.24
N ASN A 558 5.13 18.00 -3.18
CA ASN A 558 4.32 17.13 -4.03
C ASN A 558 4.59 17.29 -5.52
N THR A 559 5.86 17.45 -5.88
CA THR A 559 6.28 17.52 -7.29
C THR A 559 7.70 17.00 -7.39
N TYR A 560 8.17 16.67 -8.60
CA TYR A 560 9.57 16.22 -8.77
C TYR A 560 10.55 17.35 -8.99
N ALA A 561 11.64 17.34 -8.21
CA ALA A 561 12.81 18.20 -8.50
C ALA A 561 13.66 17.48 -9.54
N GLU A 562 13.84 18.13 -10.70
CA GLU A 562 14.60 17.56 -11.82
C GLU A 562 16.06 18.04 -11.73
N VAL A 563 17.00 17.16 -12.09
CA VAL A 563 18.42 17.52 -12.17
C VAL A 563 18.95 16.99 -13.50
N ASN A 564 18.93 17.82 -14.55
CA ASN A 564 19.39 17.39 -15.87
C ASN A 564 20.87 17.71 -16.05
N ARG A 565 21.64 16.71 -16.46
CA ARG A 565 23.09 16.73 -16.32
C ARG A 565 23.68 15.59 -17.16
N THR A 566 24.88 15.78 -17.70
CA THR A 566 25.61 14.67 -18.32
C THR A 566 26.36 14.02 -17.17
N TRP A 567 25.82 12.91 -16.67
CA TRP A 567 26.32 12.30 -15.43
C TRP A 567 27.56 11.49 -15.75
N LYS A 568 28.58 11.65 -14.90
CA LYS A 568 29.83 10.90 -14.96
C LYS A 568 29.84 9.90 -13.83
N LYS A 569 30.63 8.84 -13.98
CA LYS A 569 30.91 7.95 -12.85
C LYS A 569 31.29 8.74 -11.61
N GLY A 570 30.86 8.24 -10.46
CA GLY A 570 31.20 8.81 -9.17
C GLY A 570 30.49 10.09 -8.80
N ASP A 571 29.63 10.62 -9.66
CA ASP A 571 28.82 11.82 -9.28
C ASP A 571 27.95 11.48 -8.05
N VAL A 572 27.62 12.55 -7.31
CA VAL A 572 26.90 12.45 -6.05
C VAL A 572 25.82 13.53 -6.00
N VAL A 573 24.57 13.13 -5.92
CA VAL A 573 23.48 14.04 -5.60
C VAL A 573 23.05 13.81 -4.14
N GLU A 574 22.66 14.90 -3.48
CA GLU A 574 22.30 14.86 -2.07
C GLU A 574 21.08 15.74 -1.77
N LEU A 575 19.96 15.08 -1.50
CA LEU A 575 18.72 15.75 -1.12
C LEU A 575 18.75 15.91 0.37
N VAL A 576 18.55 17.13 0.86
CA VAL A 576 18.31 17.36 2.30
C VAL A 576 16.90 17.87 2.48
N MET A 577 16.03 17.03 3.05
CA MET A 577 14.64 17.40 3.37
C MET A 577 14.59 17.73 4.84
N ASP A 578 14.03 18.88 5.21
CA ASP A 578 13.73 19.14 6.61
C ASP A 578 12.65 18.18 7.01
N MET A 579 12.80 17.59 8.19
CA MET A 579 11.87 16.60 8.67
C MET A 579 11.50 16.93 10.10
N PRO A 580 10.84 18.05 10.31
CA PRO A 580 10.38 18.39 11.67
C PRO A 580 9.18 17.58 12.11
N VAL A 581 8.79 17.73 13.38
CA VAL A 581 7.60 17.10 13.94
C VAL A 581 6.44 17.96 13.49
N CYS A 582 5.38 17.32 12.98
CA CYS A 582 4.16 18.02 12.56
C CYS A 582 2.95 17.62 13.35
N LEU A 583 2.12 18.62 13.61
CA LEU A 583 0.82 18.43 14.23
C LEU A 583 -0.19 18.74 13.15
N LEU A 584 -1.11 17.82 12.88
CA LEU A 584 -2.06 17.98 11.80
C LEU A 584 -3.45 18.02 12.39
N GLU A 585 -4.32 18.84 11.81
CA GLU A 585 -5.77 18.83 12.11
C GLU A 585 -6.53 18.39 10.86
N ALA A 586 -7.83 18.13 11.02
CA ALA A 586 -8.62 17.61 9.91
C ALA A 586 -9.80 18.51 9.63
N HIS A 587 -10.32 18.36 8.43
CA HIS A 587 -11.47 19.16 7.94
C HIS A 587 -12.62 19.16 8.98
N PRO A 588 -13.31 20.29 9.15
CA PRO A 588 -14.28 20.35 10.26
C PRO A 588 -15.46 19.39 10.16
N LEU A 589 -15.90 19.08 8.96
CA LEU A 589 -16.90 18.01 8.76
C LEU A 589 -16.45 16.58 9.15
N ALA A 590 -15.20 16.34 9.51
CA ALA A 590 -14.83 15.06 10.13
C ALA A 590 -15.01 15.09 11.66
N GLU A 591 -16.23 14.81 12.10
CA GLU A 591 -16.67 15.02 13.46
C GLU A 591 -15.93 14.13 14.44
N GLU A 592 -15.63 12.92 14.01
CA GLU A 592 -15.00 11.91 14.87
C GLU A 592 -13.60 12.30 15.32
N ILE A 593 -13.00 13.26 14.61
CA ILE A 593 -11.68 13.80 14.94
C ILE A 593 -11.63 15.33 15.03
N ARG A 594 -12.81 15.95 15.18
CA ARG A 594 -12.87 17.39 15.33
C ARG A 594 -12.07 17.80 16.57
N ASN A 595 -11.36 18.92 16.46
CA ASN A 595 -10.54 19.46 17.55
C ASN A 595 -9.51 18.50 18.21
N GLN A 596 -8.90 17.69 17.36
CA GLN A 596 -7.93 16.71 17.80
C GLN A 596 -6.77 16.80 16.84
N VAL A 597 -5.65 16.22 17.26
CA VAL A 597 -4.43 16.38 16.51
C VAL A 597 -3.85 14.99 16.35
N VAL A 598 -3.20 14.80 15.22
CA VAL A 598 -2.37 13.65 14.91
C VAL A 598 -0.94 14.15 14.65
N VAL A 599 0.06 13.36 15.10
CA VAL A 599 1.45 13.73 15.00
C VAL A 599 2.14 12.95 13.88
N LYS A 600 2.64 13.64 12.88
CA LYS A 600 3.54 13.03 11.88
C LYS A 600 4.97 13.53 12.11
N ARG A 601 5.93 12.74 11.61
CA ARG A 601 7.30 13.19 11.39
C ARG A 601 7.73 12.58 10.09
N GLY A 602 8.03 13.43 9.11
CA GLY A 602 8.27 12.93 7.79
C GLY A 602 7.01 12.20 7.35
N PRO A 603 7.17 10.94 6.85
CA PRO A 603 6.08 10.12 6.32
C PRO A 603 5.38 9.23 7.33
N LEU A 604 5.86 9.19 8.56
CA LEU A 604 5.28 8.29 9.56
C LEU A 604 4.24 8.99 10.38
N VAL A 605 3.05 8.42 10.44
CA VAL A 605 2.01 8.83 11.38
C VAL A 605 2.40 8.24 12.71
N TYR A 606 2.35 9.06 13.74
CA TYR A 606 2.64 8.58 15.07
C TYR A 606 1.36 8.33 15.86
N CYS A 607 1.51 7.51 16.90
CA CYS A 607 0.43 7.21 17.84
C CYS A 607 0.96 7.15 19.25
N LEU A 608 0.03 7.03 20.19
CA LEU A 608 0.32 6.85 21.63
C LEU A 608 -0.27 5.53 22.14
N GLU A 609 0.56 4.70 22.79
CA GLU A 609 0.09 3.48 23.53
C GLU A 609 0.14 3.69 25.02
N SER A 610 -0.66 2.94 25.77
CA SER A 610 -0.84 3.18 27.22
C SER A 610 0.41 2.92 28.01
N MET A 611 1.22 1.94 27.58
CA MET A 611 2.51 1.67 28.24
C MET A 611 3.61 2.75 28.07
N ASP A 612 3.42 3.76 27.21
CA ASP A 612 4.36 4.89 27.06
C ASP A 612 3.88 6.15 27.80
N ILE A 613 2.94 6.03 28.72
CA ILE A 613 2.48 7.17 29.51
C ILE A 613 3.10 6.99 30.88
N ALA A 614 3.85 7.98 31.35
CA ALA A 614 4.43 7.87 32.70
C ALA A 614 3.33 7.74 33.76
N ASN A 615 3.58 6.92 34.79
CA ASN A 615 2.71 6.78 36.00
C ASN A 615 1.36 6.11 35.70
N GLY A 616 1.32 5.27 34.66
CA GLY A 616 0.07 4.60 34.23
C GLY A 616 -1.16 5.50 34.23
N GLU A 617 -0.95 6.77 33.93
CA GLU A 617 -2.02 7.75 33.86
C GLU A 617 -2.81 7.37 32.58
N LYS A 618 -4.12 7.58 32.60
CA LYS A 618 -5.00 7.03 31.58
C LYS A 618 -4.96 7.81 30.28
N ILE A 619 -4.83 7.08 29.18
CA ILE A 619 -4.64 7.65 27.84
C ILE A 619 -5.70 8.66 27.44
N ASP A 620 -6.95 8.46 27.86
CA ASP A 620 -8.03 9.39 27.50
C ASP A 620 -7.78 10.81 28.01
N ASN A 621 -7.11 10.93 29.17
CA ASN A 621 -6.79 12.22 29.79
C ASN A 621 -5.59 12.99 29.20
N ILE A 622 -4.91 12.44 28.20
CA ILE A 622 -3.74 13.10 27.63
C ILE A 622 -4.15 14.18 26.62
N LEU A 623 -3.72 15.44 26.83
CA LEU A 623 -3.92 16.53 25.85
C LEU A 623 -2.61 17.01 25.28
N ILE A 624 -2.62 17.26 23.99
CA ILE A 624 -1.43 17.74 23.32
C ILE A 624 -1.57 19.27 23.15
N PRO A 625 -0.76 20.08 23.86
CA PRO A 625 -0.80 21.50 23.55
C PRO A 625 -0.24 21.74 22.17
N ALA A 626 -0.77 22.73 21.46
CA ALA A 626 -0.40 23.00 20.03
C ALA A 626 1.07 23.34 19.79
N ASP A 627 1.68 23.99 20.78
CA ASP A 627 3.10 24.34 20.81
C ASP A 627 3.93 23.36 21.64
N ILE A 628 3.47 22.13 21.83
CA ILE A 628 4.28 21.11 22.50
C ILE A 628 5.61 20.97 21.77
N LYS A 629 6.67 20.70 22.52
CA LYS A 629 7.97 20.38 21.93
C LYS A 629 8.24 18.90 22.10
N LEU A 630 8.22 18.20 20.95
CA LEU A 630 8.41 16.75 20.87
C LEU A 630 9.78 16.45 20.33
N ILE A 631 10.50 15.57 21.03
CA ILE A 631 11.92 15.35 20.80
C ILE A 631 12.18 13.93 20.32
N PRO A 632 12.81 13.76 19.14
CA PRO A 632 13.14 12.40 18.67
C PRO A 632 14.23 11.70 19.49
N LYS A 633 14.09 10.41 19.68
CA LYS A 633 15.00 9.58 20.48
C LYS A 633 14.93 8.18 19.92
N LYS A 634 16.04 7.63 19.45
CA LYS A 634 16.04 6.24 19.00
C LYS A 634 15.70 5.35 20.20
N THR A 635 14.82 4.34 20.02
CA THR A 635 14.62 3.26 21.03
C THR A 635 14.31 1.94 20.32
N THR A 636 14.24 0.83 21.06
CA THR A 636 14.22 -0.52 20.47
C THR A 636 12.94 -1.29 20.82
N ILE A 637 12.30 -1.91 19.81
CA ILE A 637 11.13 -2.79 20.05
C ILE A 637 11.27 -4.01 19.18
N GLU A 638 11.18 -5.18 19.80
CA GLU A 638 11.49 -6.44 19.15
C GLU A 638 12.73 -6.30 18.25
N GLY A 639 13.82 -5.79 18.82
CA GLY A 639 15.11 -5.66 18.11
C GLY A 639 15.19 -4.73 16.90
N SER A 640 14.30 -3.73 16.85
CA SER A 640 14.22 -2.78 15.72
C SER A 640 14.39 -1.37 16.29
N SER A 641 15.27 -0.58 15.66
CA SER A 641 15.53 0.77 16.12
C SER A 641 14.51 1.69 15.48
N ILE A 642 13.73 2.36 16.30
CA ILE A 642 12.68 3.27 15.82
C ILE A 642 12.90 4.63 16.50
N VAL A 643 12.47 5.69 15.84
CA VAL A 643 12.44 7.00 16.44
C VAL A 643 11.12 7.17 17.18
N ALA A 644 11.19 7.21 18.51
CA ALA A 644 10.07 7.69 19.33
C ALA A 644 10.16 9.22 19.47
N LEU A 645 9.09 9.84 19.94
CA LEU A 645 9.07 11.27 20.17
C LEU A 645 8.67 11.45 21.63
N GLU A 646 9.47 12.17 22.39
CA GLU A 646 9.28 12.35 23.83
C GLU A 646 8.94 13.79 24.10
N GLY A 647 8.01 13.99 25.02
CA GLY A 647 7.59 15.33 25.40
C GLY A 647 6.62 15.36 26.56
N LYS A 648 6.21 16.58 26.91
CA LYS A 648 5.36 16.83 28.06
C LYS A 648 3.98 17.24 27.58
N ALA A 649 3.05 16.30 27.75
CA ALA A 649 1.64 16.48 27.40
C ALA A 649 0.92 17.14 28.58
N ARG A 650 -0.26 17.68 28.36
CA ARG A 650 -1.06 18.15 29.51
C ARG A 650 -1.99 17.04 29.97
N LEU A 651 -2.26 16.97 31.26
CA LEU A 651 -3.03 15.87 31.80
C LEU A 651 -4.35 16.40 32.34
N ALA A 652 -5.44 15.74 31.93
CA ALA A 652 -6.76 16.08 32.47
C ALA A 652 -6.95 15.48 33.86
N SER A 653 -7.61 16.19 34.77
CA SER A 653 -8.01 15.59 36.05
C SER A 653 -8.89 14.39 35.75
N SER A 654 -8.84 13.32 36.54
CA SER A 654 -9.61 12.10 36.21
C SER A 654 -10.74 11.77 37.20
N GLU A 655 -11.95 12.25 36.89
CA GLU A 655 -13.19 11.78 37.51
C GLU A 655 -13.63 10.50 36.81
N SER A 656 -14.24 9.56 37.53
CA SER A 656 -14.66 8.31 36.90
C SER A 656 -15.83 8.54 35.93
N TRP A 657 -15.66 8.01 34.71
CA TRP A 657 -16.72 8.00 33.69
C TRP A 657 -17.79 6.87 33.82
N GLU A 658 -17.69 6.02 34.83
CA GLU A 658 -18.73 5.03 35.08
C GLU A 658 -20.16 5.60 35.20
N GLY A 659 -21.05 5.21 34.28
CA GLY A 659 -22.46 5.60 34.31
C GLY A 659 -22.75 7.07 33.98
N VAL A 660 -21.84 7.72 33.27
CA VAL A 660 -21.98 9.14 33.00
C VAL A 660 -21.73 9.36 31.52
N LEU A 661 -22.57 10.21 30.94
CA LEU A 661 -22.41 10.63 29.53
C LEU A 661 -21.98 12.10 29.37
N TYR A 662 -22.62 13.00 30.12
CA TYR A 662 -22.28 14.44 30.10
C TYR A 662 -21.98 15.00 31.49
N ARG A 663 -20.94 15.80 31.61
CA ARG A 663 -20.65 16.46 32.90
C ARG A 663 -19.88 17.76 32.72
N PRO A 664 -19.82 18.56 33.78
CA PRO A 664 -19.01 19.76 33.79
C PRO A 664 -17.53 19.51 33.49
N VAL A 665 -17.01 20.34 32.57
CA VAL A 665 -15.65 20.28 32.10
C VAL A 665 -14.76 20.36 33.31
N VAL A 666 -13.80 19.45 33.42
CA VAL A 666 -12.86 19.42 34.54
C VAL A 666 -11.63 20.27 34.25
N GLN A 667 -10.90 20.57 35.32
CA GLN A 667 -9.62 21.29 35.22
C GLN A 667 -8.60 20.44 34.47
N ALA A 668 -7.54 21.10 33.99
CA ALA A 668 -6.46 20.38 33.32
C ALA A 668 -5.13 21.08 33.60
N GLU A 669 -4.84 21.27 34.88
CA GLU A 669 -3.69 22.06 35.30
C GLU A 669 -2.37 21.31 35.30
N LYS A 670 -2.39 19.98 35.28
CA LYS A 670 -1.14 19.17 35.41
C LYS A 670 -0.43 18.85 34.08
N THR A 671 0.71 18.17 34.17
CA THR A 671 1.46 17.69 32.99
C THR A 671 1.95 16.28 33.17
N VAL A 672 2.30 15.63 32.08
CA VAL A 672 2.81 14.26 32.15
C VAL A 672 3.70 13.93 30.95
N ASP A 673 4.73 13.13 31.21
CA ASP A 673 5.67 12.69 30.20
C ASP A 673 4.95 11.61 29.40
N ILE A 674 4.96 11.77 28.07
CA ILE A 674 4.49 10.77 27.12
C ILE A 674 5.60 10.47 26.14
N ARG A 675 5.47 9.34 25.49
CA ARG A 675 6.30 8.99 24.38
C ARG A 675 5.40 8.48 23.24
N LEU A 676 5.57 9.06 22.05
CA LEU A 676 4.86 8.59 20.84
C LEU A 676 5.74 7.63 20.05
N ILE A 677 5.14 6.58 19.50
CA ILE A 677 5.85 5.66 18.58
C ILE A 677 5.12 5.61 17.25
N PRO A 678 5.78 5.09 16.21
CA PRO A 678 5.11 5.03 14.92
C PRO A 678 3.92 4.09 14.96
N TYR A 679 2.85 4.47 14.27
CA TYR A 679 1.66 3.66 14.23
C TYR A 679 1.98 2.27 13.79
N TYR A 680 2.78 2.12 12.73
CA TYR A 680 3.02 0.79 12.19
C TYR A 680 3.53 -0.16 13.26
N ALA A 681 4.36 0.34 14.17
CA ALA A 681 4.92 -0.43 15.28
C ALA A 681 3.99 -0.60 16.51
N TRP A 682 2.72 -0.17 16.42
CA TRP A 682 1.82 -0.36 17.56
C TRP A 682 1.55 -1.85 17.79
N GLY A 683 1.15 -2.17 19.02
CA GLY A 683 0.75 -3.50 19.39
C GLY A 683 1.83 -4.56 19.30
N ASN A 684 3.10 -4.21 19.54
CA ASN A 684 4.17 -5.21 19.63
C ASN A 684 4.66 -5.39 21.08
N ARG A 685 3.98 -4.78 22.06
CA ARG A 685 4.42 -4.80 23.45
C ARG A 685 3.25 -5.17 24.37
N GLY A 686 2.46 -6.12 23.93
CA GLY A 686 1.37 -6.65 24.73
C GLY A 686 0.07 -5.94 24.48
N LYS A 687 -0.97 -6.43 25.14
CA LYS A 687 -2.29 -5.80 25.18
C LYS A 687 -2.23 -4.48 25.90
N GLY A 688 -2.95 -3.49 25.40
CA GLY A 688 -3.02 -2.21 26.09
C GLY A 688 -4.00 -1.30 25.37
N GLU A 689 -3.82 0.01 25.53
CA GLU A 689 -4.64 0.99 24.84
C GLU A 689 -3.82 1.74 23.79
N MET A 690 -4.49 2.33 22.81
CA MET A 690 -3.82 3.04 21.70
C MET A 690 -4.74 4.09 21.08
N THR A 691 -4.17 5.19 20.59
CA THR A 691 -4.95 6.15 19.81
C THR A 691 -4.00 6.90 18.88
N VAL A 692 -4.43 7.19 17.64
CA VAL A 692 -3.67 8.08 16.77
C VAL A 692 -4.08 9.52 17.06
N TRP A 693 -5.36 9.81 17.00
CA TRP A 693 -5.83 11.19 17.19
C TRP A 693 -5.99 11.44 18.69
N MET A 694 -5.53 12.63 19.14
CA MET A 694 -5.55 13.03 20.55
C MET A 694 -6.15 14.42 20.70
N PRO A 695 -6.76 14.70 21.85
CA PRO A 695 -7.21 16.05 22.14
C PRO A 695 -6.11 17.09 22.00
N LEU A 696 -6.45 18.22 21.41
CA LEU A 696 -5.55 19.35 21.18
C LEU A 696 -5.92 20.52 22.09
N ALA A 697 -4.94 21.09 22.79
CA ALA A 697 -5.12 22.34 23.54
C ALA A 697 -4.33 23.46 22.88
N ARG A 698 -5.03 24.44 22.29
CA ARG A 698 -4.43 25.42 21.35
C ARG A 698 -4.06 26.75 22.00
#